data_3PD7
#
_entry.id   3PD7
#
_cell.length_a   32.877
_cell.length_b   37.911
_cell.length_c   79.430
_cell.angle_alpha   90.00
_cell.angle_beta   89.99
_cell.angle_gamma   90.00
#
_symmetry.space_group_name_H-M   'P 1 2 1'
#
loop_
_entity.id
_entity.type
_entity.pdbx_description
1 polymer 'DNA topoisomerase 2-binding protein 1'
2 water water
#
_entity_poly.entity_id   1
_entity_poly.type   'polypeptide(L)'
_entity_poly.pdbx_seq_one_letter_code
;GHMEAQSEKEEAPKPLHKVVVCVSKKLSKKQSELNGIAASLGADYRRSFDETVTHFIYQGRPNDTNREYKSVKERGVHIV
SEHWLLDCAQECKHLPESLYPHTYNGS
;
_entity_poly.pdbx_strand_id   A,B
#
# COMPACT_ATOMS: atom_id res chain seq x y z
N LYS A 14 14.92 -10.79 18.02
N LYS A 14 14.90 -10.56 17.61
CA LYS A 14 14.17 -9.52 18.02
CA LYS A 14 14.55 -9.31 18.26
C LYS A 14 14.99 -8.24 17.55
C LYS A 14 15.17 -8.07 17.55
N PRO A 15 15.15 -8.09 16.22
CA PRO A 15 15.83 -6.96 15.59
C PRO A 15 15.26 -5.61 15.87
N LEU A 16 13.95 -5.51 16.15
CA LEU A 16 13.25 -4.23 16.39
C LEU A 16 13.00 -4.02 17.88
N HIS A 17 13.86 -4.58 18.74
CA HIS A 17 13.62 -4.50 20.19
C HIS A 17 13.52 -3.08 20.80
N LYS A 18 14.13 -2.10 20.21
CA LYS A 18 14.02 -0.76 20.75
C LYS A 18 13.04 0.12 19.99
N VAL A 19 12.17 -0.47 19.19
CA VAL A 19 11.24 0.29 18.39
C VAL A 19 9.89 0.29 19.04
N VAL A 20 9.21 1.41 18.93
CA VAL A 20 7.81 1.56 19.26
C VAL A 20 7.16 2.15 18.01
N VAL A 21 6.39 1.36 17.31
CA VAL A 21 5.76 1.87 16.08
CA VAL A 21 5.73 1.76 16.07
C VAL A 21 4.41 2.45 16.37
N CYS A 22 3.98 3.36 15.49
CA CYS A 22 2.60 3.84 15.41
C CYS A 22 2.23 3.89 13.97
N VAL A 23 1.17 3.20 13.59
CA VAL A 23 0.66 3.23 12.22
C VAL A 23 -0.16 4.53 12.05
N SER A 24 0.17 5.27 11.01
CA SER A 24 -0.58 6.48 10.69
C SER A 24 -2.05 6.23 10.50
N LYS A 25 -2.83 7.25 10.70
CA LYS A 25 -4.26 7.17 10.35
C LYS A 25 -4.45 6.86 8.89
N LYS A 26 -3.56 7.34 8.04
CA LYS A 26 -3.60 7.04 6.62
C LYS A 26 -3.64 5.55 6.30
N LEU A 27 -2.92 4.77 7.10
CA LEU A 27 -2.80 3.31 6.93
C LEU A 27 -3.71 2.55 7.85
N SER A 28 -4.81 3.16 8.32
CA SER A 28 -5.72 2.52 9.29
CA SER A 28 -5.74 2.55 9.27
C SER A 28 -6.22 1.18 8.80
N LYS A 29 -6.45 1.02 7.50
CA LYS A 29 -7.02 -0.22 6.95
C LYS A 29 -6.20 -1.42 7.29
N LYS A 30 -4.89 -1.26 7.47
CA LYS A 30 -3.93 -2.33 7.70
C LYS A 30 -3.25 -2.23 9.04
N GLN A 31 -3.80 -1.48 10.00
CA GLN A 31 -3.06 -1.24 11.22
CA GLN A 31 -3.13 -1.24 11.27
C GLN A 31 -2.72 -2.55 11.96
N SER A 32 -3.67 -3.48 12.05
CA SER A 32 -3.37 -4.71 12.81
C SER A 32 -2.32 -5.52 12.12
N GLU A 33 -2.28 -5.51 10.81
CA GLU A 33 -1.26 -6.27 10.10
CA GLU A 33 -1.25 -6.26 10.07
C GLU A 33 0.12 -5.68 10.36
N LEU A 34 0.25 -4.36 10.24
CA LEU A 34 1.51 -3.67 10.44
C LEU A 34 1.97 -3.77 11.88
N ASN A 35 1.07 -3.59 12.85
CA ASN A 35 1.43 -3.76 14.28
C ASN A 35 1.94 -5.18 14.52
N GLY A 36 1.25 -6.17 13.91
CA GLY A 36 1.66 -7.57 14.10
C GLY A 36 3.04 -7.86 13.56
N ILE A 37 3.35 -7.29 12.38
CA ILE A 37 4.70 -7.44 11.82
C ILE A 37 5.72 -6.82 12.80
N ALA A 38 5.45 -5.63 13.26
CA ALA A 38 6.35 -4.95 14.22
C ALA A 38 6.55 -5.83 15.47
N ALA A 39 5.45 -6.37 16.01
CA ALA A 39 5.56 -7.17 17.24
C ALA A 39 6.33 -8.44 16.99
N SER A 40 6.22 -9.03 15.80
CA SER A 40 6.93 -10.26 15.45
C SER A 40 8.40 -10.04 15.46
N LEU A 41 8.87 -8.82 15.26
CA LEU A 41 10.27 -8.45 15.23
C LEU A 41 10.73 -7.90 16.55
N GLY A 42 9.90 -7.94 17.59
CA GLY A 42 10.27 -7.51 18.91
C GLY A 42 9.90 -6.10 19.27
N ALA A 43 9.22 -5.39 18.41
CA ALA A 43 8.83 -4.01 18.70
C ALA A 43 7.58 -3.96 19.54
N ASP A 44 7.34 -2.81 20.12
CA ASP A 44 6.07 -2.44 20.71
C ASP A 44 5.31 -1.54 19.74
N TYR A 45 4.06 -1.20 20.03
CA TYR A 45 3.29 -0.35 19.23
C TYR A 45 2.31 0.43 20.07
N ARG A 46 1.92 1.58 19.55
CA ARG A 46 0.87 2.43 20.08
CA ARG A 46 0.88 2.43 20.10
C ARG A 46 -0.21 2.60 19.03
N ARG A 47 -1.45 2.64 19.46
CA ARG A 47 -2.58 2.71 18.53
C ARG A 47 -2.84 4.13 18.03
N SER A 48 -2.31 5.12 18.72
CA SER A 48 -2.29 6.48 18.21
C SER A 48 -1.00 7.13 18.69
N PHE A 49 -0.67 8.27 18.11
CA PHE A 49 0.64 8.81 18.30
C PHE A 49 0.80 9.37 19.71
N ASP A 50 1.96 9.17 20.27
CA ASP A 50 2.32 9.72 21.59
C ASP A 50 3.82 9.81 21.69
N GLU A 51 4.27 10.31 22.84
CA GLU A 51 5.70 10.65 23.02
C GLU A 51 6.62 9.44 23.19
N THR A 52 6.04 8.22 23.25
CA THR A 52 6.79 6.99 23.33
C THR A 52 7.13 6.41 21.92
N VAL A 53 6.44 6.91 20.87
CA VAL A 53 6.65 6.36 19.53
C VAL A 53 8.02 6.74 19.00
N THR A 54 8.69 5.74 18.44
CA THR A 54 9.98 5.97 17.78
C THR A 54 9.88 5.98 16.24
N HIS A 55 8.91 5.26 15.70
CA HIS A 55 8.78 5.02 14.25
C HIS A 55 7.30 5.19 13.90
N PHE A 56 7.02 6.11 12.96
CA PHE A 56 5.67 6.42 12.51
C PHE A 56 5.59 5.82 11.12
N ILE A 57 4.63 4.95 10.89
CA ILE A 57 4.50 4.24 9.61
C ILE A 57 3.53 5.01 8.74
N TYR A 58 4.01 5.56 7.63
CA TYR A 58 3.23 6.50 6.81
C TYR A 58 3.69 6.39 5.37
N GLN A 59 2.69 6.54 4.50
CA GLN A 59 2.86 6.65 3.07
C GLN A 59 2.38 7.97 2.62
N GLY A 60 3.21 8.72 1.93
CA GLY A 60 2.86 10.05 1.42
C GLY A 60 3.58 10.35 0.12
N ARG A 61 3.79 11.66 -0.07
CA ARG A 61 4.21 12.17 -1.37
CA ARG A 61 4.20 12.18 -1.37
C ARG A 61 5.24 13.29 -1.15
N PRO A 62 5.97 13.68 -2.19
CA PRO A 62 6.86 14.81 -2.02
C PRO A 62 6.10 16.02 -1.59
N ASN A 63 6.71 16.81 -0.72
CA ASN A 63 6.07 18.03 -0.23
C ASN A 63 4.67 17.80 0.35
N ASP A 64 4.58 16.77 1.17
CA ASP A 64 3.31 16.36 1.66
C ASP A 64 2.74 17.35 2.68
N THR A 65 1.43 17.56 2.57
CA THR A 65 0.70 18.49 3.44
C THR A 65 -0.20 17.80 4.41
N ASN A 66 -0.12 16.47 4.47
CA ASN A 66 -0.92 15.71 5.41
C ASN A 66 -0.75 16.18 6.80
N ARG A 67 -1.84 16.34 7.54
CA ARG A 67 -1.76 16.94 8.83
C ARG A 67 -0.99 16.10 9.89
N GLU A 68 -1.30 14.80 9.95
CA GLU A 68 -0.61 14.00 10.93
CA GLU A 68 -0.62 13.97 10.93
C GLU A 68 0.87 13.86 10.60
N TYR A 69 1.20 13.70 9.32
CA TYR A 69 2.58 13.66 8.89
C TYR A 69 3.32 14.93 9.32
N LYS A 70 2.75 16.09 9.07
CA LYS A 70 3.48 17.32 9.38
C LYS A 70 3.74 17.36 10.85
N SER A 71 2.75 16.97 11.65
CA SER A 71 2.91 17.01 13.08
CA SER A 71 2.91 17.03 13.10
C SER A 71 4.05 16.13 13.59
N VAL A 72 4.11 14.91 13.07
CA VAL A 72 5.13 13.99 13.49
C VAL A 72 6.49 14.39 12.99
N LYS A 73 6.54 14.91 11.78
CA LYS A 73 7.81 15.33 11.19
C LYS A 73 8.56 16.30 11.99
N GLU A 74 7.82 17.22 12.57
N GLU A 74 7.81 17.24 12.58
CA GLU A 74 8.46 18.28 13.33
CA GLU A 74 8.38 18.34 13.37
C GLU A 74 8.94 17.83 14.69
C GLU A 74 8.91 17.88 14.73
N ARG A 75 8.46 16.67 15.15
N ARG A 75 8.48 16.69 15.15
CA ARG A 75 8.86 16.14 16.45
CA ARG A 75 8.87 16.13 16.44
C ARG A 75 10.14 15.34 16.32
C ARG A 75 10.16 15.33 16.30
N GLY A 76 10.64 15.21 15.07
CA GLY A 76 11.87 14.57 14.80
C GLY A 76 11.84 13.04 14.89
N VAL A 77 10.66 12.45 14.98
CA VAL A 77 10.47 10.97 15.01
C VAL A 77 10.75 10.34 13.64
N HIS A 78 11.23 9.10 13.59
CA HIS A 78 11.47 8.42 12.29
C HIS A 78 10.16 8.18 11.59
N ILE A 79 10.09 8.57 10.35
CA ILE A 79 8.90 8.39 9.51
C ILE A 79 9.29 7.43 8.39
N VAL A 80 8.68 6.26 8.33
CA VAL A 80 9.06 5.23 7.40
C VAL A 80 7.86 4.69 6.66
N SER A 81 8.12 4.28 5.43
CA SER A 81 7.18 3.52 4.61
C SER A 81 6.76 2.22 5.31
N GLU A 82 5.57 1.75 4.97
CA GLU A 82 5.17 0.39 5.35
C GLU A 82 6.16 -0.66 4.92
N HIS A 83 6.87 -0.39 3.80
CA HIS A 83 7.80 -1.38 3.28
C HIS A 83 9.00 -1.56 4.23
N TRP A 84 9.26 -0.60 5.10
CA TRP A 84 10.30 -0.82 6.11
C TRP A 84 9.92 -2.03 6.97
N LEU A 85 8.69 -2.08 7.45
CA LEU A 85 8.25 -3.25 8.25
C LEU A 85 8.24 -4.51 7.40
N LEU A 86 7.68 -4.44 6.21
CA LEU A 86 7.57 -5.64 5.36
C LEU A 86 8.93 -6.19 5.07
N ASP A 87 9.87 -5.34 4.73
CA ASP A 87 11.22 -5.85 4.35
C ASP A 87 12.03 -6.23 5.56
N CYS A 88 11.89 -5.54 6.69
CA CYS A 88 12.54 -6.00 7.93
C CYS A 88 12.09 -7.42 8.24
N ALA A 89 10.79 -7.69 8.08
CA ALA A 89 10.26 -9.04 8.34
C ALA A 89 10.78 -10.05 7.31
N GLN A 90 10.86 -9.69 6.05
CA GLN A 90 11.36 -10.61 5.03
C GLN A 90 12.81 -11.00 5.34
N GLU A 91 13.61 -10.04 5.72
CA GLU A 91 15.05 -10.22 5.94
CA GLU A 91 15.06 -10.22 5.91
C GLU A 91 15.40 -10.61 7.34
N CYS A 92 14.43 -10.54 8.25
CA CYS A 92 14.63 -10.74 9.69
CA CYS A 92 14.62 -10.72 9.70
C CYS A 92 15.79 -9.88 10.16
N LYS A 93 15.76 -8.59 9.84
CA LYS A 93 16.86 -7.70 10.13
C LYS A 93 16.27 -6.31 10.40
N HIS A 94 16.98 -5.50 11.15
CA HIS A 94 16.73 -4.08 11.32
C HIS A 94 17.36 -3.34 10.15
N LEU A 95 16.59 -3.05 9.15
CA LEU A 95 17.05 -2.35 7.95
C LEU A 95 17.12 -0.84 8.27
N PRO A 96 18.00 -0.10 7.58
CA PRO A 96 18.08 1.35 7.86
C PRO A 96 16.81 2.09 7.48
N GLU A 97 16.40 3.00 8.36
CA GLU A 97 15.21 3.81 8.16
C GLU A 97 15.33 4.68 6.93
N SER A 98 16.55 5.18 6.65
CA SER A 98 16.69 6.12 5.54
C SER A 98 16.41 5.53 4.19
N LEU A 99 16.45 4.19 4.04
CA LEU A 99 16.10 3.58 2.77
C LEU A 99 14.64 3.54 2.53
N TYR A 100 13.81 3.87 3.52
CA TYR A 100 12.37 3.73 3.48
C TYR A 100 11.66 5.00 3.91
N PRO A 101 11.91 6.10 3.22
CA PRO A 101 11.13 7.32 3.51
C PRO A 101 9.63 7.08 3.19
N HIS A 102 8.79 7.98 3.62
CA HIS A 102 7.35 7.83 3.38
C HIS A 102 6.98 7.96 1.90
N THR A 103 7.92 8.44 1.07
CA THR A 103 7.72 8.56 -0.38
C THR A 103 8.10 7.27 -1.11
N TYR A 104 8.62 6.26 -0.40
CA TYR A 104 8.96 4.97 -0.97
C TYR A 104 7.65 4.16 -1.12
N ASN A 105 7.30 3.79 -2.35
CA ASN A 105 6.07 3.07 -2.63
C ASN A 105 6.19 1.63 -2.95
N GLY A 106 7.40 1.13 -2.95
CA GLY A 106 7.69 -0.20 -3.40
C GLY A 106 8.98 -0.19 -4.21
N SER A 107 9.42 -1.38 -4.47
N SER A 107 9.39 -1.34 -4.69
CA SER A 107 10.68 -1.62 -5.09
CA SER A 107 10.62 -1.52 -5.49
C SER A 107 10.51 -1.60 -6.58
C SER A 107 10.28 -2.01 -6.93
N LYS B 14 -18.71 3.92 0.60
CA LYS B 14 -17.74 4.55 -0.30
C LYS B 14 -17.73 3.78 -1.58
N PRO B 15 -17.28 4.42 -2.66
CA PRO B 15 -17.66 3.85 -3.95
C PRO B 15 -17.09 2.51 -4.25
N LEU B 16 -15.92 2.14 -3.70
CA LEU B 16 -15.24 0.88 -3.96
C LEU B 16 -15.38 -0.06 -2.78
N HIS B 17 -16.49 0.05 -2.06
CA HIS B 17 -16.65 -0.77 -0.85
C HIS B 17 -16.65 -2.31 -1.05
N LYS B 18 -16.97 -2.81 -2.21
CA LYS B 18 -16.95 -4.27 -2.41
CA LYS B 18 -16.93 -4.26 -2.42
C LYS B 18 -15.69 -4.71 -3.19
N VAL B 19 -14.70 -3.85 -3.29
CA VAL B 19 -13.50 -4.13 -4.07
C VAL B 19 -12.39 -4.58 -3.15
N VAL B 20 -11.63 -5.55 -3.61
CA VAL B 20 -10.37 -5.98 -3.01
C VAL B 20 -9.32 -5.90 -4.15
N VAL B 21 -8.44 -4.92 -4.10
CA VAL B 21 -7.45 -4.79 -5.18
CA VAL B 21 -7.44 -4.68 -5.12
C VAL B 21 -6.22 -5.56 -4.85
N CYS B 22 -5.48 -5.90 -5.90
CA CYS B 22 -4.11 -6.39 -5.79
C CYS B 22 -3.34 -5.73 -6.92
N VAL B 23 -2.28 -5.01 -6.57
CA VAL B 23 -1.39 -4.37 -7.54
C VAL B 23 -0.47 -5.45 -8.07
N SER B 24 -0.39 -5.53 -9.40
CA SER B 24 0.50 -6.50 -10.08
C SER B 24 1.94 -6.28 -9.69
N LYS B 25 2.72 -7.34 -9.83
CA LYS B 25 4.16 -7.18 -9.65
C LYS B 25 4.76 -6.20 -10.63
N LYS B 26 4.18 -6.10 -11.82
CA LYS B 26 4.60 -5.14 -12.81
C LYS B 26 4.61 -3.69 -12.29
N LEU B 27 3.62 -3.37 -11.44
CA LEU B 27 3.43 -2.04 -10.89
C LEU B 27 3.97 -1.91 -9.45
N SER B 28 4.91 -2.77 -9.08
CA SER B 28 5.46 -2.79 -7.72
CA SER B 28 5.51 -2.80 -7.73
C SER B 28 6.01 -1.45 -7.29
N LYS B 29 6.58 -0.66 -8.19
CA LYS B 29 7.15 0.62 -7.84
C LYS B 29 6.17 1.56 -7.20
N LYS B 30 4.90 1.42 -7.48
CA LYS B 30 3.85 2.32 -7.04
C LYS B 30 2.79 1.61 -6.19
N GLN B 31 3.12 0.41 -5.65
CA GLN B 31 2.10 -0.35 -4.99
CA GLN B 31 2.14 -0.38 -4.94
C GLN B 31 1.46 0.42 -3.83
N SER B 32 2.24 1.09 -3.00
CA SER B 32 1.65 1.77 -1.85
C SER B 32 0.79 2.90 -2.28
N GLU B 33 1.12 3.58 -3.37
CA GLU B 33 0.31 4.66 -3.86
CA GLU B 33 0.31 4.68 -3.87
C GLU B 33 -1.06 4.15 -4.32
N LEU B 34 -1.01 3.09 -5.13
CA LEU B 34 -2.25 2.50 -5.68
C LEU B 34 -3.10 1.88 -4.61
N ASN B 35 -2.50 1.16 -3.66
CA ASN B 35 -3.27 0.60 -2.50
C ASN B 35 -3.93 1.74 -1.74
N GLY B 36 -3.19 2.84 -1.53
CA GLY B 36 -3.75 3.95 -0.77
C GLY B 36 -4.93 4.62 -1.46
N ILE B 37 -4.86 4.74 -2.80
CA ILE B 37 -5.99 5.27 -3.56
C ILE B 37 -7.18 4.33 -3.37
N ALA B 38 -6.97 3.05 -3.54
CA ALA B 38 -8.05 2.07 -3.37
C ALA B 38 -8.67 2.22 -1.97
N ALA B 39 -7.84 2.30 -0.93
CA ALA B 39 -8.33 2.35 0.45
C ALA B 39 -9.12 3.64 0.67
N SER B 40 -8.72 4.73 0.04
CA SER B 40 -9.40 6.01 0.17
C SER B 40 -10.81 5.95 -0.35
N LEU B 41 -11.05 5.05 -1.28
CA LEU B 41 -12.37 4.86 -1.89
C LEU B 41 -13.17 3.75 -1.23
N GLY B 42 -12.65 3.18 -0.13
CA GLY B 42 -13.34 2.16 0.62
C GLY B 42 -12.99 0.74 0.31
N ALA B 43 -12.05 0.51 -0.57
CA ALA B 43 -11.62 -0.85 -0.94
C ALA B 43 -10.69 -1.43 0.09
N ASP B 44 -10.52 -2.73 0.03
CA ASP B 44 -9.44 -3.42 0.71
C ASP B 44 -8.36 -3.77 -0.33
N TYR B 45 -7.24 -4.30 0.09
CA TYR B 45 -6.19 -4.69 -0.79
C TYR B 45 -5.40 -5.85 -0.23
N ARG B 46 -4.81 -6.62 -1.13
CA ARG B 46 -3.89 -7.70 -0.83
CA ARG B 46 -3.90 -7.70 -0.80
C ARG B 46 -2.58 -7.38 -1.43
N ARG B 47 -1.49 -7.75 -0.75
CA ARG B 47 -0.15 -7.43 -1.26
C ARG B 47 0.38 -8.42 -2.29
N SER B 48 -0.27 -9.57 -2.40
CA SER B 48 -0.02 -10.49 -3.52
C SER B 48 -1.35 -11.17 -3.81
N PHE B 49 -1.40 -11.81 -4.95
CA PHE B 49 -2.68 -12.26 -5.45
C PHE B 49 -3.19 -13.46 -4.66
N ASP B 50 -4.46 -13.46 -4.38
CA ASP B 50 -5.13 -14.60 -3.74
C ASP B 50 -6.57 -14.63 -4.13
N GLU B 51 -7.32 -15.56 -3.57
CA GLU B 51 -8.72 -15.83 -4.01
C GLU B 51 -9.72 -14.82 -3.52
N THR B 52 -9.28 -13.84 -2.68
CA THR B 52 -10.13 -12.75 -2.23
C THR B 52 -10.11 -11.55 -3.15
N VAL B 53 -9.09 -11.48 -4.03
CA VAL B 53 -8.95 -10.31 -4.92
C VAL B 53 -10.08 -10.24 -5.93
N THR B 54 -10.63 -9.06 -6.08
CA THR B 54 -11.65 -8.80 -7.09
C THR B 54 -11.14 -8.05 -8.31
N HIS B 55 -10.11 -7.23 -8.12
CA HIS B 55 -9.57 -6.29 -9.15
C HIS B 55 -8.06 -6.36 -9.08
N PHE B 56 -7.44 -6.73 -10.23
CA PHE B 56 -6.00 -6.85 -10.36
C PHE B 56 -5.57 -5.65 -11.17
N ILE B 57 -4.67 -4.84 -10.63
CA ILE B 57 -4.24 -3.59 -11.28
C ILE B 57 -3.01 -3.88 -12.10
N TYR B 58 -3.11 -3.75 -13.40
CA TYR B 58 -2.03 -4.21 -14.32
C TYR B 58 -2.06 -3.36 -15.55
N GLN B 59 -0.85 -3.11 -16.05
CA GLN B 59 -0.57 -2.45 -17.32
C GLN B 59 0.11 -3.40 -18.25
N GLY B 60 -0.43 -3.61 -19.41
CA GLY B 60 0.15 -4.52 -20.40
C GLY B 60 -0.14 -4.06 -21.83
N ARG B 61 -0.17 -5.05 -22.70
CA ARG B 61 -0.17 -4.81 -24.17
C ARG B 61 -1.14 -5.77 -24.82
N PRO B 62 -1.48 -5.52 -26.08
CA PRO B 62 -2.27 -6.52 -26.78
C PRO B 62 -1.58 -7.84 -26.81
N ASN B 63 -2.38 -8.91 -26.67
CA ASN B 63 -1.83 -10.27 -26.71
C ASN B 63 -0.68 -10.48 -25.72
N ASP B 64 -0.91 -10.03 -24.49
CA ASP B 64 0.14 -10.02 -23.54
C ASP B 64 0.50 -11.45 -23.06
N THR B 65 1.80 -11.66 -22.89
CA THR B 65 2.30 -12.96 -22.45
C THR B 65 2.82 -12.93 -21.04
N ASN B 66 2.63 -11.82 -20.33
CA ASN B 66 3.09 -11.72 -18.96
C ASN B 66 2.53 -12.81 -18.11
N ARG B 67 3.41 -13.41 -17.33
CA ARG B 67 3.02 -14.59 -16.57
C ARG B 67 1.92 -14.33 -15.53
N GLU B 68 2.08 -13.30 -14.73
N GLU B 68 2.08 -13.27 -14.74
CA GLU B 68 1.08 -13.04 -13.70
CA GLU B 68 1.08 -12.98 -13.71
C GLU B 68 -0.26 -12.62 -14.33
C GLU B 68 -0.26 -12.62 -14.33
N TYR B 69 -0.24 -11.82 -15.39
CA TYR B 69 -1.42 -11.44 -16.09
C TYR B 69 -2.13 -12.69 -16.60
N LYS B 70 -1.42 -13.60 -17.24
CA LYS B 70 -2.11 -14.74 -17.82
C LYS B 70 -2.76 -15.52 -16.72
N SER B 71 -2.10 -15.68 -15.61
CA SER B 71 -2.66 -16.44 -14.51
CA SER B 71 -2.66 -16.45 -14.50
CA SER B 71 -2.66 -16.47 -14.50
C SER B 71 -3.96 -15.84 -13.99
N VAL B 72 -3.97 -14.52 -13.79
CA VAL B 72 -5.15 -13.88 -13.27
C VAL B 72 -6.28 -13.83 -14.29
N LYS B 73 -5.94 -13.70 -15.56
CA LYS B 73 -6.93 -13.64 -16.61
C LYS B 73 -7.81 -14.83 -16.69
N GLU B 74 -7.21 -15.97 -16.43
CA GLU B 74 -7.94 -17.23 -16.58
CA GLU B 74 -7.92 -17.23 -16.59
C GLU B 74 -8.81 -17.51 -15.39
N ARG B 75 -8.56 -16.79 -14.28
CA ARG B 75 -9.36 -16.93 -13.05
CA ARG B 75 -9.36 -16.94 -13.06
C ARG B 75 -10.60 -16.08 -13.11
N GLY B 76 -10.74 -15.28 -14.20
CA GLY B 76 -11.90 -14.50 -14.43
C GLY B 76 -11.98 -13.24 -13.58
N VAL B 77 -10.94 -12.83 -12.85
CA VAL B 77 -10.91 -11.60 -12.02
C VAL B 77 -10.85 -10.36 -12.91
N HIS B 78 -11.40 -9.22 -12.44
CA HIS B 78 -11.29 -7.98 -13.23
C HIS B 78 -9.88 -7.52 -13.29
N ILE B 79 -9.42 -7.22 -14.48
CA ILE B 79 -8.05 -6.76 -14.71
C ILE B 79 -8.18 -5.33 -15.26
N VAL B 80 -7.68 -4.36 -14.53
CA VAL B 80 -7.87 -2.97 -14.89
C VAL B 80 -6.55 -2.20 -14.85
N SER B 81 -6.48 -1.21 -15.72
CA SER B 81 -5.40 -0.21 -15.71
C SER B 81 -5.32 0.51 -14.36
N GLU B 82 -4.13 0.99 -14.04
CA GLU B 82 -3.96 1.92 -12.93
C GLU B 82 -4.89 3.12 -13.03
N HIS B 83 -5.18 3.54 -14.28
CA HIS B 83 -6.01 4.71 -14.49
C HIS B 83 -7.45 4.48 -13.95
N TRP B 84 -7.88 3.22 -13.81
CA TRP B 84 -9.17 3.01 -13.18
C TRP B 84 -9.15 3.54 -11.75
N LEU B 85 -8.11 3.23 -10.97
CA LEU B 85 -8.04 3.81 -9.61
C LEU B 85 -7.88 5.33 -9.66
N LEU B 86 -6.98 5.81 -10.51
CA LEU B 86 -6.73 7.27 -10.53
C LEU B 86 -7.99 8.00 -10.89
N ASP B 87 -8.74 7.55 -11.86
CA ASP B 87 -9.96 8.27 -12.30
C ASP B 87 -11.10 8.04 -11.36
N CYS B 88 -11.24 6.86 -10.76
CA CYS B 88 -12.24 6.71 -9.71
C CYS B 88 -12.01 7.71 -8.59
N ALA B 89 -10.75 7.92 -8.22
CA ALA B 89 -10.44 8.88 -7.17
C ALA B 89 -10.75 10.32 -7.62
N GLN B 90 -10.40 10.67 -8.84
CA GLN B 90 -10.65 12.01 -9.34
C GLN B 90 -12.14 12.31 -9.34
N GLU B 91 -12.95 11.34 -9.76
CA GLU B 91 -14.40 11.50 -9.90
CA GLU B 91 -14.40 11.51 -9.91
C GLU B 91 -15.18 11.14 -8.65
N CYS B 92 -14.49 10.54 -7.67
CA CYS B 92 -15.13 10.00 -6.44
CA CYS B 92 -15.10 9.97 -6.45
C CYS B 92 -16.31 9.12 -6.84
N LYS B 93 -16.07 8.18 -7.74
CA LYS B 93 -17.14 7.35 -8.30
C LYS B 93 -16.54 5.99 -8.63
N HIS B 94 -17.38 4.97 -8.62
CA HIS B 94 -17.07 3.63 -9.15
C HIS B 94 -17.27 3.64 -10.64
N LEU B 95 -16.19 3.86 -11.38
CA LEU B 95 -16.25 3.89 -12.82
C LEU B 95 -16.30 2.44 -13.39
N PRO B 96 -16.87 2.25 -14.58
CA PRO B 96 -16.91 0.89 -15.10
C PRO B 96 -15.54 0.34 -15.42
N GLU B 97 -15.33 -0.94 -15.06
CA GLU B 97 -14.07 -1.61 -15.30
C GLU B 97 -13.76 -1.74 -16.79
N SER B 98 -14.80 -1.89 -17.62
CA SER B 98 -14.53 -2.14 -19.03
C SER B 98 -13.93 -0.96 -19.73
N LEU B 99 -14.05 0.26 -19.19
CA LEU B 99 -13.39 1.40 -19.80
C LEU B 99 -11.94 1.45 -19.56
N TYR B 100 -11.39 0.58 -18.67
CA TYR B 100 -10.01 0.62 -18.21
C TYR B 100 -9.38 -0.75 -18.30
N PRO B 101 -9.32 -1.32 -19.51
CA PRO B 101 -8.55 -2.58 -19.68
C PRO B 101 -7.06 -2.32 -19.42
N HIS B 102 -6.30 -3.39 -19.24
CA HIS B 102 -4.85 -3.28 -18.97
C HIS B 102 -4.09 -2.67 -20.13
N THR B 103 -4.68 -2.56 -21.29
CA THR B 103 -4.07 -1.93 -22.50
C THR B 103 -4.32 -0.43 -22.52
N TYR B 104 -5.13 0.11 -21.59
CA TYR B 104 -5.36 1.53 -21.47
C TYR B 104 -4.15 2.18 -20.82
N ASN B 105 -3.50 3.10 -21.53
CA ASN B 105 -2.28 3.75 -21.02
C ASN B 105 -2.42 5.18 -20.59
N GLY B 106 -3.63 5.71 -20.70
CA GLY B 106 -3.93 7.07 -20.45
C GLY B 106 -4.90 7.61 -21.49
N SER B 107 -5.35 8.79 -21.18
N SER B 107 -5.25 8.88 -21.39
CA SER B 107 -6.37 9.40 -21.94
CA SER B 107 -6.17 9.55 -22.32
C SER B 107 -5.80 10.14 -23.09
C SER B 107 -5.48 10.70 -23.12
#